data_5UBF
#
_entry.id   5UBF
#
_cell.length_a   128.535
_cell.length_b   128.535
_cell.length_c   127.775
_cell.angle_alpha   90.00
_cell.angle_beta   90.00
_cell.angle_gamma   120.00
#
_symmetry.space_group_name_H-M   'H 3'
#
loop_
_entity.id
_entity.type
_entity.pdbx_description
1 polymer 'RctB replication initiator protein'
2 water water
#
_entity_poly.entity_id   1
_entity_poly.type   'polypeptide(L)'
_entity_poly.pdbx_seq_one_letter_code
;(MSE)LLHEHGLNTPPA(MSE)KDEADQFVVSPTNWAGIIDQALAPPRTRKSYQKS(MSE)VSISGTRAVIETRSSKNI
(MSE)TVDDL(MSE)TLFALFTLTVQYHDHHQDDYHFNAKQAPNKTPLYITDILSLRGKKDSGPARDSIRDSIDRIEFTD
FQLHELTGRWLSEN(MSE)PEGFKSDRFRFLARTITASEEAPVEGSDGEIRIKPNLYILVWEPSFFEELLTRDYFFLFPP
EILKQHTLVFQLYSYFRSR(MSE)SRRHTDV(MSE)(MSE)LSELNQKLARNIEWRRFS(MSE)DLIRELRRLSEGKGSE
DLFVVNLWGYHLTVKSIEEKGKVVDYQVDIKCDVEEVLRYSRAKTTNAGKRHHHHHH
;
_entity_poly.pdbx_strand_id   A,B
#
# COMPACT_ATOMS: atom_id res chain seq x y z
N ALA A 29 -10.38 6.88 -7.79
CA ALA A 29 -11.47 7.14 -8.72
C ALA A 29 -12.73 7.58 -7.99
N GLY A 30 -13.77 7.90 -8.75
CA GLY A 30 -15.04 8.34 -8.20
C GLY A 30 -15.96 7.23 -7.73
N ILE A 31 -15.48 5.98 -7.68
CA ILE A 31 -16.29 4.86 -7.25
C ILE A 31 -15.95 4.41 -5.83
N ILE A 32 -14.99 5.07 -5.18
CA ILE A 32 -14.60 4.69 -3.83
C ILE A 32 -15.72 4.90 -2.83
N ASP A 33 -16.66 5.81 -3.13
CA ASP A 33 -17.76 6.07 -2.22
C ASP A 33 -18.60 4.81 -1.97
N GLN A 34 -18.75 3.97 -2.98
CA GLN A 34 -19.44 2.70 -2.81
C GLN A 34 -18.55 1.61 -2.22
N ALA A 35 -17.26 1.91 -2.00
CA ALA A 35 -16.31 0.93 -1.50
C ALA A 35 -15.92 1.13 -0.05
N LEU A 36 -16.44 2.17 0.60
CA LEU A 36 -16.07 2.47 1.98
C LEU A 36 -16.97 1.72 2.95
N ALA A 37 -16.52 1.67 4.20
CA ALA A 37 -17.26 0.97 5.24
C ALA A 37 -18.33 1.88 5.83
N PRO A 38 -19.42 1.31 6.34
CA PRO A 38 -20.46 2.12 7.00
C PRO A 38 -19.89 2.86 8.19
N PRO A 39 -20.55 3.93 8.64
CA PRO A 39 -20.08 4.63 9.84
C PRO A 39 -20.03 3.69 11.03
N ARG A 40 -19.06 3.95 11.92
CA ARG A 40 -18.92 3.21 13.17
C ARG A 40 -18.70 1.72 12.92
N THR A 41 -17.91 1.41 11.90
CA THR A 41 -17.62 0.04 11.52
C THR A 41 -16.10 -0.14 11.45
N ARG A 42 -15.61 -1.22 12.07
CA ARG A 42 -14.18 -1.52 12.14
C ARG A 42 -13.97 -2.94 11.61
N LYS A 43 -13.77 -3.06 10.30
CA LYS A 43 -13.58 -4.36 9.68
C LYS A 43 -12.44 -4.27 8.68
N SER A 44 -12.06 -5.44 8.15
CA SER A 44 -10.88 -5.56 7.30
C SER A 44 -11.20 -5.95 5.87
N TYR A 45 -12.46 -6.25 5.55
CA TYR A 45 -12.81 -6.69 4.21
C TYR A 45 -14.22 -6.21 3.89
N GLN A 46 -14.43 -5.86 2.61
CA GLN A 46 -15.76 -5.54 2.12
C GLN A 46 -15.79 -5.85 0.62
N LYS A 47 -16.93 -6.36 0.16
CA LYS A 47 -17.12 -6.68 -1.25
C LYS A 47 -18.42 -6.06 -1.73
N SER A 48 -18.37 -5.45 -2.91
CA SER A 48 -19.55 -4.80 -3.48
C SER A 48 -19.64 -5.09 -4.96
N MSE A 49 -20.88 -5.23 -5.43
CA MSE A 49 -21.15 -5.32 -6.86
C MSE A 49 -21.32 -3.92 -7.42
O MSE A 49 -22.10 -3.12 -6.89
CB MSE A 49 -22.40 -6.16 -7.12
CG MSE A 49 -22.34 -7.56 -6.54
SE MSE A 49 -20.81 -8.58 -7.20
CE MSE A 49 -20.96 -10.15 -6.05
N VAL A 50 -20.58 -3.60 -8.48
CA VAL A 50 -20.59 -2.28 -9.07
C VAL A 50 -20.62 -2.42 -10.58
N SER A 51 -21.60 -1.81 -11.22
CA SER A 51 -21.70 -1.77 -12.67
C SER A 51 -21.10 -0.47 -13.16
N ILE A 52 -20.09 -0.56 -14.04
CA ILE A 52 -19.42 0.61 -14.57
C ILE A 52 -19.34 0.49 -16.09
N SER A 53 -19.91 1.48 -16.79
CA SER A 53 -19.87 1.54 -18.25
C SER A 53 -20.33 0.22 -18.88
N GLY A 54 -21.45 -0.31 -18.37
CA GLY A 54 -22.05 -1.52 -18.86
C GLY A 54 -21.41 -2.80 -18.40
N THR A 55 -20.25 -2.76 -17.74
CA THR A 55 -19.54 -3.94 -17.31
C THR A 55 -19.81 -4.20 -15.83
N ARG A 56 -20.20 -5.44 -15.52
CA ARG A 56 -20.34 -5.85 -14.13
C ARG A 56 -18.97 -6.04 -13.50
N ALA A 57 -18.85 -5.63 -12.24
CA ALA A 57 -17.56 -5.62 -11.58
C ALA A 57 -17.75 -5.80 -10.09
N VAL A 58 -16.65 -6.08 -9.40
CA VAL A 58 -16.61 -6.30 -7.96
C VAL A 58 -15.53 -5.39 -7.38
N ILE A 59 -15.88 -4.62 -6.37
CA ILE A 59 -14.91 -3.80 -5.64
C ILE A 59 -14.68 -4.43 -4.28
N GLU A 60 -13.44 -4.79 -4.00
CA GLU A 60 -13.02 -5.30 -2.72
C GLU A 60 -12.20 -4.25 -1.98
N THR A 61 -12.48 -4.10 -0.70
CA THR A 61 -11.76 -3.19 0.20
C THR A 61 -11.09 -4.03 1.27
N ARG A 62 -9.76 -3.94 1.36
CA ARG A 62 -8.97 -4.75 2.28
C ARG A 62 -8.08 -3.86 3.14
N SER A 63 -7.75 -4.36 4.32
CA SER A 63 -6.81 -3.72 5.21
C SER A 63 -6.33 -4.74 6.22
N SER A 64 -5.03 -4.70 6.54
CA SER A 64 -4.54 -5.45 7.69
C SER A 64 -5.07 -4.89 9.00
N LYS A 65 -5.57 -3.65 8.98
CA LYS A 65 -6.26 -3.09 10.13
C LYS A 65 -7.64 -2.80 9.57
N ASN A 66 -8.28 -1.75 10.08
CA ASN A 66 -9.60 -1.33 9.62
C ASN A 66 -9.61 -0.50 8.34
N ILE A 67 -10.52 -0.88 7.42
CA ILE A 67 -10.65 -0.15 6.16
C ILE A 67 -11.30 1.22 6.40
N MSE A 68 -11.17 2.08 5.41
CA MSE A 68 -11.82 3.39 5.42
C MSE A 68 -13.32 3.29 5.66
O MSE A 68 -13.97 2.37 5.16
CB MSE A 68 -11.61 4.10 4.08
CG MSE A 68 -10.30 4.83 3.91
SE MSE A 68 -10.37 5.90 2.26
CE MSE A 68 -11.74 7.17 2.78
N THR A 69 -13.87 4.24 6.40
CA THR A 69 -15.30 4.40 6.53
C THR A 69 -15.73 5.66 5.78
N VAL A 70 -17.06 5.82 5.63
CA VAL A 70 -17.59 7.01 4.97
C VAL A 70 -17.17 8.26 5.71
N ASP A 71 -17.18 8.21 7.05
CA ASP A 71 -16.84 9.37 7.88
C ASP A 71 -15.39 9.79 7.76
N ASP A 72 -14.55 9.01 7.08
CA ASP A 72 -13.18 9.43 6.82
C ASP A 72 -13.04 10.27 5.56
N LEU A 73 -14.06 10.26 4.70
CA LEU A 73 -13.97 10.93 3.40
C LEU A 73 -13.46 12.36 3.53
N MSE A 74 -14.09 13.15 4.39
CA MSE A 74 -13.72 14.54 4.60
C MSE A 74 -12.23 14.66 4.88
O MSE A 74 -11.52 15.42 4.20
CB MSE A 74 -14.54 15.16 5.74
CG MSE A 74 -16.04 15.19 5.48
SE MSE A 74 -17.10 16.14 6.83
CE MSE A 74 -16.46 17.96 6.48
N THR A 75 -11.74 13.87 5.83
CA THR A 75 -10.31 13.89 6.16
C THR A 75 -9.47 13.63 4.92
N LEU A 76 -9.84 12.61 4.14
CA LEU A 76 -9.16 12.34 2.88
C LEU A 76 -9.12 13.60 2.02
N PHE A 77 -10.29 14.21 1.80
CA PHE A 77 -10.33 15.43 0.99
C PHE A 77 -9.43 16.51 1.59
N ALA A 78 -9.41 16.60 2.93
CA ALA A 78 -8.50 17.54 3.57
C ALA A 78 -7.08 17.35 3.06
N LEU A 79 -6.59 16.10 3.13
CA LEU A 79 -5.27 15.79 2.60
C LEU A 79 -5.13 16.31 1.18
N PHE A 80 -6.10 16.00 0.33
CA PHE A 80 -6.11 16.50 -1.04
C PHE A 80 -5.80 17.99 -1.06
N THR A 81 -6.64 18.78 -0.38
CA THR A 81 -6.47 20.22 -0.37
C THR A 81 -5.06 20.59 0.06
N LEU A 82 -4.60 20.00 1.16
CA LEU A 82 -3.27 20.34 1.66
C LEU A 82 -2.20 19.96 0.66
N THR A 83 -2.35 18.79 0.02
CA THR A 83 -1.37 18.40 -1.00
C THR A 83 -1.38 19.37 -2.17
N VAL A 84 -2.53 19.97 -2.47
CA VAL A 84 -2.56 20.98 -3.52
C VAL A 84 -2.06 22.31 -2.98
N GLN A 85 -2.22 22.57 -1.68
CA GLN A 85 -1.81 23.87 -1.14
C GLN A 85 -0.32 23.93 -0.85
N TYR A 86 0.31 22.79 -0.54
CA TYR A 86 1.75 22.80 -0.29
C TYR A 86 2.54 23.08 -1.57
N HIS A 87 2.17 22.43 -2.67
CA HIS A 87 2.86 22.59 -3.94
C HIS A 87 2.43 23.90 -4.62
N ASP A 88 2.71 25.00 -3.93
CA ASP A 88 2.39 26.33 -4.44
C ASP A 88 3.31 27.39 -3.82
N ASN A 103 5.96 13.06 -5.93
CA ASN A 103 6.87 13.75 -5.04
C ASN A 103 6.62 13.37 -3.58
N LYS A 104 6.91 14.30 -2.67
CA LYS A 104 6.67 14.13 -1.26
C LYS A 104 5.94 15.36 -0.73
N THR A 105 4.97 15.13 0.16
CA THR A 105 4.13 16.21 0.67
C THR A 105 4.10 16.18 2.19
N PRO A 106 4.81 17.10 2.86
CA PRO A 106 4.76 17.16 4.32
C PRO A 106 3.51 17.90 4.79
N LEU A 107 2.78 17.28 5.72
CA LEU A 107 1.58 17.86 6.31
C LEU A 107 1.67 17.77 7.83
N TYR A 108 1.31 18.86 8.51
CA TYR A 108 1.31 18.90 9.96
C TYR A 108 -0.10 18.67 10.48
N ILE A 109 -0.20 17.94 11.59
CA ILE A 109 -1.51 17.62 12.16
C ILE A 109 -2.26 18.89 12.55
N THR A 110 -1.54 19.95 12.89
CA THR A 110 -2.19 21.22 13.20
C THR A 110 -2.97 21.74 11.99
N ASP A 111 -2.38 21.66 10.80
CA ASP A 111 -3.08 22.12 9.60
C ASP A 111 -4.27 21.22 9.27
N ILE A 112 -4.16 19.92 9.56
CA ILE A 112 -5.28 19.01 9.30
C ILE A 112 -6.43 19.30 10.26
N LEU A 113 -6.12 19.53 11.54
CA LEU A 113 -7.15 19.85 12.51
C LEU A 113 -7.81 21.19 12.19
N SER A 114 -7.02 22.20 11.81
CA SER A 114 -7.60 23.49 11.47
C SER A 114 -8.45 23.41 10.21
N LEU A 115 -7.98 22.68 9.20
CA LEU A 115 -8.74 22.55 7.96
C LEU A 115 -10.02 21.76 8.17
N ARG A 116 -9.99 20.76 9.06
CA ARG A 116 -11.19 20.00 9.38
C ARG A 116 -12.06 20.66 10.44
N GLY A 117 -11.62 21.78 11.00
CA GLY A 117 -12.40 22.48 12.01
C GLY A 117 -12.46 21.78 13.35
N LYS A 118 -11.35 21.20 13.79
CA LYS A 118 -11.30 20.45 15.04
C LYS A 118 -10.43 21.19 16.05
N LYS A 119 -10.93 21.33 17.27
CA LYS A 119 -10.16 21.97 18.33
C LYS A 119 -9.03 21.05 18.76
N ASP A 120 -7.81 21.59 18.80
CA ASP A 120 -6.63 20.79 19.07
C ASP A 120 -6.66 20.25 20.49
N SER A 121 -6.60 18.92 20.62
CA SER A 121 -6.59 18.26 21.92
C SER A 121 -6.08 16.84 21.71
N GLY A 122 -6.07 16.07 22.80
CA GLY A 122 -5.66 14.68 22.75
C GLY A 122 -6.58 13.82 21.90
N PRO A 123 -7.85 13.70 22.32
CA PRO A 123 -8.80 12.88 21.55
C PRO A 123 -8.95 13.34 20.10
N ALA A 124 -8.83 14.63 19.82
CA ALA A 124 -8.91 15.11 18.44
C ALA A 124 -7.74 14.59 17.62
N ARG A 125 -6.52 14.73 18.15
CA ARG A 125 -5.34 14.21 17.46
C ARG A 125 -5.45 12.70 17.26
N ASP A 126 -5.96 11.98 18.27
CA ASP A 126 -6.12 10.54 18.14
C ASP A 126 -7.13 10.20 17.05
N SER A 127 -8.22 10.97 16.95
CA SER A 127 -9.24 10.72 15.95
C SER A 127 -8.70 10.96 14.54
N ILE A 128 -8.02 12.09 14.33
CA ILE A 128 -7.43 12.37 13.04
C ILE A 128 -6.40 11.31 12.67
N ARG A 129 -5.57 10.91 13.63
CA ARG A 129 -4.57 9.86 13.37
C ARG A 129 -5.24 8.54 13.02
N ASP A 130 -6.42 8.26 13.60
CA ASP A 130 -7.12 7.02 13.27
C ASP A 130 -7.70 7.08 11.86
N SER A 131 -8.28 8.22 11.47
CA SER A 131 -8.77 8.35 10.11
C SER A 131 -7.65 8.21 9.09
N ILE A 132 -6.55 8.93 9.31
CA ILE A 132 -5.40 8.83 8.40
C ILE A 132 -4.84 7.42 8.40
N ASP A 133 -4.88 6.74 9.54
CA ASP A 133 -4.36 5.38 9.60
C ASP A 133 -5.24 4.43 8.80
N ARG A 134 -6.56 4.60 8.86
CA ARG A 134 -7.45 3.76 8.06
C ARG A 134 -7.29 4.06 6.57
N ILE A 135 -7.12 5.33 6.20
CA ILE A 135 -6.89 5.67 4.80
C ILE A 135 -5.58 5.09 4.31
N GLU A 136 -4.57 5.02 5.19
CA GLU A 136 -3.22 4.65 4.76
C GLU A 136 -3.11 3.16 4.46
N PHE A 137 -3.80 2.32 5.23
CA PHE A 137 -3.68 0.88 5.11
C PHE A 137 -4.82 0.25 4.31
N THR A 138 -5.56 1.05 3.54
CA THR A 138 -6.70 0.54 2.77
C THR A 138 -6.29 0.30 1.33
N ASP A 139 -6.49 -0.93 0.85
CA ASP A 139 -6.33 -1.28 -0.54
C ASP A 139 -7.70 -1.50 -1.18
N PHE A 140 -7.87 -0.95 -2.37
CA PHE A 140 -9.05 -1.19 -3.17
C PHE A 140 -8.69 -2.07 -4.35
N GLN A 141 -9.66 -2.85 -4.84
CA GLN A 141 -9.40 -3.66 -6.02
C GLN A 141 -10.68 -3.83 -6.82
N LEU A 142 -10.59 -3.52 -8.11
CA LEU A 142 -11.72 -3.62 -9.03
C LEU A 142 -11.50 -4.82 -9.95
N HIS A 143 -12.39 -5.79 -9.88
CA HIS A 143 -12.36 -6.97 -10.72
C HIS A 143 -13.48 -6.88 -11.75
N GLU A 144 -13.13 -7.04 -13.03
CA GLU A 144 -14.12 -7.09 -14.09
C GLU A 144 -14.53 -8.54 -14.32
N LEU A 145 -15.82 -8.82 -14.15
CA LEU A 145 -16.33 -10.18 -14.27
C LEU A 145 -16.64 -10.58 -15.71
N THR A 146 -16.73 -9.62 -16.63
CA THR A 146 -17.02 -9.88 -18.03
C THR A 146 -15.72 -9.80 -18.83
N GLY A 147 -15.39 -10.89 -19.52
CA GLY A 147 -14.19 -10.90 -20.33
C GLY A 147 -14.35 -10.00 -21.55
N ARG A 148 -13.37 -9.13 -21.77
CA ARG A 148 -13.35 -8.25 -22.93
C ARG A 148 -11.97 -8.31 -23.57
N TRP A 149 -11.86 -7.66 -24.73
CA TRP A 149 -10.62 -7.66 -25.50
C TRP A 149 -9.57 -6.80 -24.81
N LEU A 150 -8.43 -7.42 -24.48
CA LEU A 150 -7.33 -6.73 -23.79
C LEU A 150 -6.05 -6.73 -24.61
N SER A 151 -5.70 -7.84 -25.24
CA SER A 151 -4.52 -7.94 -26.10
C SER A 151 -4.77 -9.03 -27.12
N GLU A 152 -4.11 -8.92 -28.27
CA GLU A 152 -4.34 -9.87 -29.35
C GLU A 152 -3.98 -11.30 -28.95
N ASN A 153 -3.26 -11.47 -27.85
CA ASN A 153 -3.06 -12.79 -27.25
C ASN A 153 -4.00 -13.06 -26.10
N MSE A 154 -4.72 -12.05 -25.61
CA MSE A 154 -5.72 -12.27 -24.57
C MSE A 154 -7.05 -11.60 -24.90
O MSE A 154 -7.40 -10.58 -24.29
CB MSE A 154 -5.20 -11.77 -23.22
CG MSE A 154 -5.35 -12.78 -22.10
SE MSE A 154 -4.45 -12.21 -20.47
CE MSE A 154 -3.04 -11.12 -21.27
N PRO A 155 -7.80 -12.15 -25.85
CA PRO A 155 -9.17 -11.69 -26.08
C PRO A 155 -10.10 -12.31 -25.06
N GLU A 156 -11.11 -11.54 -24.65
CA GLU A 156 -12.01 -11.92 -23.57
C GLU A 156 -11.24 -12.23 -22.29
N GLY A 157 -10.24 -11.41 -21.99
CA GLY A 157 -9.54 -11.50 -20.73
C GLY A 157 -10.24 -10.70 -19.64
N PHE A 158 -9.78 -10.90 -18.41
CA PHE A 158 -10.40 -10.29 -17.24
C PHE A 158 -9.39 -9.35 -16.58
N LYS A 159 -9.79 -8.09 -16.41
CA LYS A 159 -8.92 -7.04 -15.91
C LYS A 159 -9.25 -6.74 -14.45
N SER A 160 -8.21 -6.67 -13.62
CA SER A 160 -8.33 -6.23 -12.24
C SER A 160 -7.35 -5.09 -11.98
N ASP A 161 -7.69 -4.24 -11.02
CA ASP A 161 -6.90 -3.06 -10.70
C ASP A 161 -6.83 -2.91 -9.18
N ARG A 162 -5.63 -3.05 -8.63
CA ARG A 162 -5.41 -2.93 -7.20
C ARG A 162 -4.77 -1.58 -6.91
N PHE A 163 -5.52 -0.70 -6.26
CA PHE A 163 -5.16 0.69 -6.08
C PHE A 163 -5.02 1.01 -4.60
N ARG A 164 -4.18 2.01 -4.31
CA ARG A 164 -3.91 2.46 -2.95
C ARG A 164 -3.59 3.94 -3.00
N PHE A 165 -4.20 4.72 -2.10
CA PHE A 165 -4.02 6.17 -2.15
C PHE A 165 -2.59 6.56 -1.81
N LEU A 166 -2.05 6.03 -0.71
CA LEU A 166 -0.72 6.41 -0.23
C LEU A 166 0.26 5.28 -0.57
N ALA A 167 1.17 5.55 -1.50
CA ALA A 167 2.21 4.58 -1.81
C ALA A 167 3.19 4.44 -0.66
N ARG A 168 3.52 5.55 0.01
CA ARG A 168 4.48 5.52 1.09
C ARG A 168 4.14 6.62 2.08
N THR A 169 4.49 6.41 3.35
CA THR A 169 4.20 7.39 4.39
C THR A 169 5.32 7.39 5.41
N ILE A 170 6.04 8.50 5.50
CA ILE A 170 7.03 8.72 6.54
C ILE A 170 6.39 9.60 7.61
N THR A 171 6.67 9.31 8.88
CA THR A 171 6.02 10.02 9.96
C THR A 171 7.04 10.47 11.00
N ALA A 172 6.78 11.63 11.58
CA ALA A 172 7.60 12.18 12.66
C ALA A 172 6.73 12.35 13.89
N SER A 173 7.07 11.64 14.96
CA SER A 173 6.31 11.63 16.20
C SER A 173 7.14 12.27 17.32
N GLU A 174 6.45 12.94 18.24
CA GLU A 174 7.12 13.53 19.39
C GLU A 174 7.24 12.55 20.54
N GLU A 175 6.19 11.79 20.83
CA GLU A 175 6.26 10.76 21.86
C GLU A 175 6.98 9.53 21.32
N ALA A 176 7.40 8.66 22.24
CA ALA A 176 8.11 7.45 21.87
C ALA A 176 7.15 6.39 21.36
N PRO A 177 7.63 5.47 20.52
CA PRO A 177 6.79 4.34 20.10
C PRO A 177 6.37 3.49 21.28
N VAL A 178 5.07 3.23 21.39
CA VAL A 178 4.49 2.50 22.51
C VAL A 178 4.01 1.14 22.02
N GLU A 179 4.42 0.09 22.72
CA GLU A 179 3.95 -1.26 22.44
C GLU A 179 2.65 -1.48 23.21
N GLY A 180 1.53 -1.54 22.49
CA GLY A 180 0.23 -1.66 23.10
C GLY A 180 0.00 -3.02 23.74
N SER A 181 -1.22 -3.20 24.25
CA SER A 181 -1.57 -4.45 24.91
C SER A 181 -1.63 -5.63 23.94
N ASP A 182 -1.82 -5.37 22.65
CA ASP A 182 -1.85 -6.42 21.65
C ASP A 182 -0.46 -6.80 21.14
N GLY A 183 0.60 -6.20 21.69
CA GLY A 183 1.95 -6.50 21.27
C GLY A 183 2.39 -5.82 20.00
N GLU A 184 1.61 -4.89 19.47
CA GLU A 184 1.93 -4.18 18.23
C GLU A 184 2.29 -2.74 18.53
N ILE A 185 3.13 -2.17 17.66
CA ILE A 185 3.66 -0.82 17.87
C ILE A 185 2.56 0.20 17.55
N ARG A 186 2.37 1.16 18.46
CA ARG A 186 1.45 2.26 18.26
C ARG A 186 2.21 3.57 18.32
N ILE A 187 2.07 4.39 17.29
CA ILE A 187 2.80 5.64 17.19
C ILE A 187 1.81 6.80 17.28
N LYS A 188 2.34 7.98 17.61
CA LYS A 188 1.57 9.21 17.68
C LYS A 188 2.26 10.28 16.83
N PRO A 189 2.18 10.16 15.51
CA PRO A 189 2.93 11.08 14.65
C PRO A 189 2.38 12.50 14.71
N ASN A 190 3.24 13.44 14.34
CA ASN A 190 2.84 14.82 14.14
C ASN A 190 3.17 15.37 12.76
N LEU A 191 4.12 14.75 12.03
CA LEU A 191 4.43 15.16 10.68
C LEU A 191 4.20 13.99 9.73
N TYR A 192 3.48 14.24 8.64
CA TYR A 192 3.14 13.23 7.64
C TYR A 192 3.81 13.60 6.31
N ILE A 193 4.93 12.96 6.02
CA ILE A 193 5.53 13.00 4.69
C ILE A 193 4.77 11.99 3.84
N LEU A 194 3.89 12.47 2.97
CA LEU A 194 3.02 11.63 2.16
C LEU A 194 3.63 11.40 0.78
N VAL A 195 3.54 10.17 0.32
CA VAL A 195 3.94 9.77 -1.03
C VAL A 195 2.73 9.10 -1.67
N TRP A 196 2.00 9.85 -2.49
CA TRP A 196 0.77 9.37 -3.10
C TRP A 196 1.07 8.34 -4.20
N GLU A 197 0.00 7.72 -4.69
CA GLU A 197 0.13 6.82 -5.83
C GLU A 197 0.50 7.64 -7.06
N PRO A 198 1.46 7.19 -7.88
CA PRO A 198 1.96 8.03 -8.98
C PRO A 198 0.87 8.53 -9.93
N SER A 199 0.03 7.63 -10.44
CA SER A 199 -1.02 8.05 -11.37
C SER A 199 -1.98 9.03 -10.70
N PHE A 200 -2.41 8.72 -9.48
CA PHE A 200 -3.32 9.62 -8.78
C PHE A 200 -2.65 10.93 -8.41
N PHE A 201 -1.34 10.91 -8.12
CA PHE A 201 -0.66 12.15 -7.79
C PHE A 201 -0.54 13.06 -9.02
N GLU A 202 -0.17 12.48 -10.17
CA GLU A 202 -0.14 13.25 -11.40
C GLU A 202 -1.52 13.79 -11.74
N GLU A 203 -2.56 12.97 -11.53
CA GLU A 203 -3.93 13.45 -11.71
C GLU A 203 -4.32 14.50 -10.68
N LEU A 204 -3.59 14.57 -9.57
CA LEU A 204 -3.90 15.45 -8.45
C LEU A 204 -3.12 16.76 -8.47
N LEU A 205 -2.06 16.84 -9.27
CA LEU A 205 -1.29 18.09 -9.32
C LEU A 205 -1.72 19.01 -10.45
N THR A 206 -1.95 18.46 -11.65
CA THR A 206 -2.36 19.29 -12.78
C THR A 206 -3.86 19.58 -12.74
N ARG A 207 -4.68 18.54 -12.72
CA ARG A 207 -6.14 18.70 -12.69
C ARG A 207 -6.57 18.83 -11.23
N ASP A 208 -6.80 20.07 -10.80
CA ASP A 208 -7.23 20.37 -9.43
C ASP A 208 -8.68 20.84 -9.39
N TYR A 209 -9.53 20.28 -10.26
CA TYR A 209 -10.89 20.74 -10.40
C TYR A 209 -11.94 19.64 -10.25
N PHE A 210 -11.55 18.37 -10.34
CA PHE A 210 -12.50 17.28 -10.22
C PHE A 210 -12.80 16.94 -8.76
N PHE A 211 -11.79 17.04 -7.88
CA PHE A 211 -11.92 16.55 -6.51
C PHE A 211 -11.52 17.59 -5.47
N LEU A 212 -11.55 18.87 -5.82
CA LEU A 212 -11.16 19.93 -4.88
C LEU A 212 -12.40 20.70 -4.45
N PHE A 213 -12.67 20.65 -3.17
CA PHE A 213 -13.77 21.29 -2.46
C PHE A 213 -13.29 22.56 -1.78
N PRO A 214 -14.17 23.55 -1.65
CA PRO A 214 -13.84 24.75 -0.88
C PRO A 214 -13.39 24.37 0.53
N PRO A 215 -12.23 24.85 0.95
CA PRO A 215 -11.70 24.45 2.27
C PRO A 215 -12.64 24.75 3.42
N GLU A 216 -13.59 25.68 3.26
CA GLU A 216 -14.53 25.97 4.33
C GLU A 216 -15.62 24.91 4.46
N ILE A 217 -15.79 24.05 3.44
CA ILE A 217 -16.75 22.96 3.56
C ILE A 217 -16.17 21.77 4.30
N LEU A 218 -14.84 21.65 4.35
CA LEU A 218 -14.19 20.56 5.07
C LEU A 218 -14.29 20.69 6.59
N LYS A 219 -14.91 21.76 7.09
CA LYS A 219 -15.11 21.94 8.53
C LYS A 219 -16.58 22.03 8.90
N GLN A 220 -17.49 21.74 7.97
CA GLN A 220 -18.91 21.84 8.23
C GLN A 220 -19.45 20.52 8.76
N HIS A 221 -20.74 20.52 9.11
CA HIS A 221 -21.40 19.28 9.53
C HIS A 221 -21.36 18.26 8.40
N THR A 222 -21.40 16.98 8.78
CA THR A 222 -21.26 15.92 7.79
C THR A 222 -22.40 15.94 6.77
N LEU A 223 -23.60 16.34 7.19
CA LEU A 223 -24.73 16.39 6.27
C LEU A 223 -24.58 17.51 5.25
N VAL A 224 -23.97 18.63 5.65
CA VAL A 224 -23.70 19.70 4.69
C VAL A 224 -22.66 19.26 3.67
N PHE A 225 -21.62 18.56 4.14
CA PHE A 225 -20.60 18.03 3.23
C PHE A 225 -21.20 17.04 2.24
N GLN A 226 -22.03 16.12 2.75
CA GLN A 226 -22.69 15.17 1.86
C GLN A 226 -23.63 15.86 0.89
N LEU A 227 -24.27 16.95 1.33
CA LEU A 227 -25.16 17.71 0.45
C LEU A 227 -24.38 18.36 -0.68
N TYR A 228 -23.26 19.01 -0.34
CA TYR A 228 -22.45 19.66 -1.36
C TYR A 228 -21.85 18.64 -2.32
N SER A 229 -21.37 17.51 -1.80
CA SER A 229 -20.85 16.46 -2.66
C SER A 229 -21.93 15.91 -3.58
N TYR A 230 -23.15 15.77 -3.06
CA TYR A 230 -24.26 15.34 -3.91
C TYR A 230 -24.58 16.38 -4.97
N PHE A 231 -24.35 17.66 -4.67
CA PHE A 231 -24.58 18.72 -5.66
C PHE A 231 -23.47 18.80 -6.70
N ARG A 232 -22.26 18.35 -6.38
CA ARG A 232 -21.21 18.33 -7.38
C ARG A 232 -21.24 17.07 -8.24
N SER A 233 -21.50 15.91 -7.63
CA SER A 233 -21.61 14.66 -8.38
C SER A 233 -22.80 14.72 -9.33
N ARG A 234 -24.02 14.63 -8.76
CA ARG A 234 -25.21 14.80 -9.57
C ARG A 234 -25.39 16.28 -9.92
N MSE A 235 -26.34 16.55 -10.81
CA MSE A 235 -26.59 17.90 -11.30
C MSE A 235 -25.31 18.49 -11.89
O MSE A 235 -24.73 19.42 -11.33
CB MSE A 235 -27.14 18.79 -10.18
CG MSE A 235 -27.78 20.08 -10.65
SE MSE A 235 -28.70 20.98 -9.19
CE MSE A 235 -29.41 22.50 -10.18
N SER A 236 -24.87 17.92 -13.02
CA SER A 236 -23.59 18.29 -13.60
C SER A 236 -23.57 19.74 -14.05
N ARG A 237 -24.47 20.10 -14.97
CA ARG A 237 -24.55 21.47 -15.48
C ARG A 237 -25.98 22.00 -15.46
N ARG A 238 -26.89 21.33 -14.75
CA ARG A 238 -28.27 21.79 -14.70
C ARG A 238 -28.36 23.16 -14.04
N HIS A 239 -29.08 24.09 -14.69
CA HIS A 239 -29.20 25.44 -14.16
C HIS A 239 -29.96 25.45 -12.84
N THR A 240 -31.20 24.96 -12.85
CA THR A 240 -32.05 24.95 -11.67
C THR A 240 -32.73 23.60 -11.52
N ASP A 241 -33.24 23.36 -10.32
CA ASP A 241 -33.96 22.13 -9.99
C ASP A 241 -34.68 22.34 -8.67
N VAL A 242 -35.76 21.58 -8.47
CA VAL A 242 -36.57 21.65 -7.26
C VAL A 242 -36.52 20.29 -6.58
N MSE A 243 -36.26 20.29 -5.27
CA MSE A 243 -36.14 19.04 -4.53
C MSE A 243 -36.89 19.04 -3.21
O MSE A 243 -37.41 20.06 -2.76
CB MSE A 243 -34.66 18.73 -4.26
CG MSE A 243 -33.89 18.25 -5.47
SE MSE A 243 -32.24 17.38 -4.94
CE MSE A 243 -31.52 17.00 -6.71
N MSE A 244 -36.92 17.87 -2.58
CA MSE A 244 -37.52 17.69 -1.27
C MSE A 244 -36.46 17.33 -0.25
O MSE A 244 -35.42 16.78 -0.62
CB MSE A 244 -38.59 16.60 -1.30
CG MSE A 244 -39.52 16.67 -2.50
SE MSE A 244 -40.70 18.21 -2.42
CE MSE A 244 -41.60 17.80 -0.73
N LEU A 245 -36.69 17.64 1.03
CA LEU A 245 -35.81 17.13 2.06
C LEU A 245 -35.98 15.62 2.25
N SER A 246 -37.17 15.11 1.94
CA SER A 246 -37.37 13.66 1.97
C SER A 246 -36.56 12.97 0.88
N GLU A 247 -36.56 13.54 -0.33
CA GLU A 247 -35.72 13.01 -1.40
C GLU A 247 -34.25 13.15 -1.04
N LEU A 248 -33.86 14.29 -0.46
CA LEU A 248 -32.49 14.44 0.00
C LEU A 248 -32.19 13.50 1.17
N ASN A 249 -33.20 13.14 1.95
CA ASN A 249 -33.00 12.18 3.03
C ASN A 249 -32.70 10.79 2.47
N GLN A 250 -33.49 10.35 1.48
CA GLN A 250 -33.29 9.01 0.93
C GLN A 250 -32.06 8.94 0.05
N LYS A 251 -31.67 10.04 -0.58
CA LYS A 251 -30.51 10.04 -1.45
C LYS A 251 -29.22 10.44 -0.74
N LEU A 252 -29.30 10.93 0.49
CA LEU A 252 -28.13 11.30 1.27
C LEU A 252 -27.87 10.36 2.45
N ALA A 253 -28.87 10.15 3.30
CA ALA A 253 -28.71 9.35 4.52
C ALA A 253 -29.97 8.50 4.71
N ARG A 254 -29.97 7.29 4.15
CA ARG A 254 -31.11 6.40 4.28
C ARG A 254 -31.33 5.98 5.73
N ASN A 255 -30.25 5.76 6.47
CA ASN A 255 -30.32 5.23 7.84
C ASN A 255 -30.38 6.33 8.89
N ILE A 256 -30.86 7.52 8.53
CA ILE A 256 -30.96 8.64 9.46
C ILE A 256 -32.44 8.96 9.65
N GLU A 257 -32.84 9.15 10.90
CA GLU A 257 -34.23 9.46 11.21
C GLU A 257 -34.61 10.83 10.68
N TRP A 258 -35.87 10.95 10.25
CA TRP A 258 -36.35 12.22 9.70
C TRP A 258 -36.28 13.34 10.72
N ARG A 259 -36.37 13.00 12.01
CA ARG A 259 -36.22 14.02 13.05
C ARG A 259 -34.81 14.59 13.06
N ARG A 260 -33.80 13.71 13.14
CA ARG A 260 -32.42 14.17 13.15
C ARG A 260 -32.02 14.82 11.83
N PHE A 261 -32.59 14.36 10.71
CA PHE A 261 -32.25 14.94 9.42
C PHE A 261 -32.74 16.37 9.32
N SER A 262 -33.99 16.61 9.72
CA SER A 262 -34.54 17.96 9.68
C SER A 262 -33.87 18.86 10.71
N MSE A 263 -33.69 18.38 11.93
CA MSE A 263 -33.07 19.18 12.98
C MSE A 263 -31.63 19.56 12.65
O MSE A 263 -31.26 20.73 12.70
CB MSE A 263 -33.12 18.44 14.33
CG MSE A 263 -34.48 18.45 15.00
SE MSE A 263 -34.40 17.77 16.83
CE MSE A 263 -36.26 18.10 17.35
N ASP A 264 -30.82 18.55 12.30
CA ASP A 264 -29.41 18.80 12.03
C ASP A 264 -29.21 19.55 10.73
N LEU A 265 -29.82 19.06 9.64
CA LEU A 265 -29.59 19.69 8.33
C LEU A 265 -30.20 21.08 8.29
N ILE A 266 -31.42 21.24 8.78
CA ILE A 266 -32.05 22.56 8.79
C ILE A 266 -31.36 23.49 9.78
N ARG A 267 -30.82 22.93 10.87
CA ARG A 267 -30.09 23.77 11.83
C ARG A 267 -28.78 24.28 11.23
N GLU A 268 -28.10 23.45 10.45
CA GLU A 268 -26.82 23.85 9.88
C GLU A 268 -27.00 24.76 8.67
N LEU A 269 -27.87 24.37 7.74
CA LEU A 269 -28.16 25.22 6.59
C LEU A 269 -28.74 26.56 7.04
N ARG A 270 -29.74 26.52 7.94
CA ARG A 270 -30.31 27.75 8.47
C ARG A 270 -29.28 28.53 9.27
N ARG A 271 -28.31 27.84 9.88
CA ARG A 271 -27.23 28.52 10.58
C ARG A 271 -26.35 29.31 9.62
N LEU A 272 -25.95 28.68 8.51
CA LEU A 272 -25.12 29.36 7.51
C LEU A 272 -26.01 30.05 6.48
N SER A 273 -26.75 31.04 6.96
CA SER A 273 -27.62 31.83 6.11
C SER A 273 -27.87 33.18 6.77
N GLU A 274 -27.85 34.24 5.96
CA GLU A 274 -28.18 35.56 6.48
C GLU A 274 -29.61 35.59 6.98
N GLY A 275 -29.83 36.31 8.07
CA GLY A 275 -31.09 36.24 8.80
C GLY A 275 -32.24 36.95 8.11
N LYS A 276 -32.09 37.21 6.82
CA LYS A 276 -33.09 37.97 6.07
C LYS A 276 -34.45 37.28 6.08
N GLY A 277 -34.47 35.96 6.17
CA GLY A 277 -35.70 35.19 6.22
C GLY A 277 -36.13 34.88 7.64
N SER A 278 -36.95 33.83 7.76
CA SER A 278 -37.43 33.35 9.05
C SER A 278 -37.30 31.84 9.09
N GLU A 279 -37.88 31.23 10.11
CA GLU A 279 -37.81 29.78 10.27
C GLU A 279 -38.50 29.03 9.14
N ASP A 280 -39.34 29.71 8.36
CA ASP A 280 -40.09 29.09 7.28
C ASP A 280 -39.62 29.51 5.89
N LEU A 281 -38.59 30.34 5.80
CA LEU A 281 -38.07 30.78 4.50
C LEU A 281 -36.68 31.34 4.71
N PHE A 282 -35.70 30.78 4.00
CA PHE A 282 -34.33 31.26 4.07
C PHE A 282 -33.57 30.76 2.85
N VAL A 283 -32.43 31.40 2.58
CA VAL A 283 -31.61 31.09 1.42
C VAL A 283 -30.17 30.85 1.89
N VAL A 284 -29.49 29.91 1.25
CA VAL A 284 -28.12 29.54 1.58
C VAL A 284 -27.28 29.60 0.32
N ASN A 285 -26.12 30.24 0.42
CA ASN A 285 -25.20 30.31 -0.72
C ASN A 285 -24.60 28.94 -1.03
N LEU A 286 -24.09 28.25 -0.02
CA LEU A 286 -23.55 26.89 -0.15
C LEU A 286 -22.47 26.82 -1.23
N TRP A 287 -21.56 27.78 -1.21
CA TRP A 287 -20.35 27.75 -2.02
C TRP A 287 -20.65 27.50 -3.50
N GLY A 288 -21.61 28.26 -4.04
CA GLY A 288 -21.96 28.17 -5.44
C GLY A 288 -23.29 27.53 -5.74
N TYR A 289 -23.90 26.85 -4.77
CA TYR A 289 -25.21 26.21 -4.95
C TYR A 289 -26.21 26.98 -4.09
N HIS A 290 -26.73 28.06 -4.66
CA HIS A 290 -27.67 28.92 -3.94
C HIS A 290 -28.99 28.20 -3.72
N LEU A 291 -29.35 27.98 -2.47
CA LEU A 291 -30.53 27.21 -2.10
C LEU A 291 -31.66 28.15 -1.64
N THR A 292 -32.87 27.60 -1.66
CA THR A 292 -34.05 28.30 -1.15
C THR A 292 -34.93 27.26 -0.45
N VAL A 293 -35.07 27.37 0.86
CA VAL A 293 -35.76 26.38 1.68
C VAL A 293 -36.99 27.03 2.29
N LYS A 294 -38.14 26.38 2.13
CA LYS A 294 -39.41 26.86 2.66
C LYS A 294 -40.15 25.70 3.33
N SER A 295 -41.08 26.06 4.23
CA SER A 295 -41.86 25.07 4.96
C SER A 295 -42.99 24.52 4.09
N ILE A 296 -43.45 23.31 4.42
CA ILE A 296 -44.54 22.68 3.69
C ILE A 296 -45.51 22.04 4.67
N GLU A 297 -46.80 22.14 4.36
CA GLU A 297 -47.88 21.31 4.92
C GLU A 297 -48.13 21.56 6.41
N GLU A 298 -47.85 22.77 6.88
CA GLU A 298 -48.56 23.38 8.01
C GLU A 298 -48.48 22.41 9.18
N LYS A 299 -49.58 22.11 9.86
CA LYS A 299 -49.56 21.68 11.26
C LYS A 299 -49.09 20.27 11.54
N GLY A 300 -48.06 20.15 12.39
CA GLY A 300 -47.62 18.86 12.91
C GLY A 300 -47.07 17.88 11.89
N LYS A 301 -47.14 18.21 10.60
CA LYS A 301 -46.55 17.37 9.56
C LYS A 301 -45.84 18.27 8.56
N VAL A 302 -44.51 18.14 8.46
CA VAL A 302 -43.71 19.11 7.71
C VAL A 302 -42.67 18.39 6.86
N VAL A 303 -42.10 19.17 5.95
CA VAL A 303 -41.09 18.74 4.97
C VAL A 303 -40.70 20.05 4.27
N ASP A 304 -39.61 20.05 3.51
CA ASP A 304 -39.06 21.30 3.01
C ASP A 304 -38.88 21.27 1.49
N TYR A 305 -39.41 22.29 0.82
CA TYR A 305 -39.09 22.54 -0.57
C TYR A 305 -37.68 23.11 -0.66
N GLN A 306 -36.94 22.69 -1.69
CA GLN A 306 -35.56 23.15 -1.86
C GLN A 306 -35.35 23.48 -3.34
N VAL A 307 -35.26 24.77 -3.64
CA VAL A 307 -35.03 25.25 -5.00
C VAL A 307 -33.54 25.55 -5.16
N ASP A 308 -32.93 25.01 -6.21
CA ASP A 308 -31.51 25.16 -6.46
C ASP A 308 -31.27 26.00 -7.71
N ILE A 309 -30.11 26.66 -7.74
CA ILE A 309 -29.67 27.39 -8.92
C ILE A 309 -28.14 27.31 -8.99
N LYS A 310 -27.64 26.62 -10.00
CA LYS A 310 -26.21 26.37 -10.09
C LYS A 310 -25.49 27.54 -10.75
N CYS A 311 -24.31 27.87 -10.22
CA CYS A 311 -23.48 28.96 -10.74
C CYS A 311 -22.05 28.44 -10.81
N ASP A 312 -21.63 27.99 -12.00
CA ASP A 312 -20.31 27.41 -12.17
C ASP A 312 -19.19 28.41 -11.89
N VAL A 313 -19.46 29.71 -12.03
CA VAL A 313 -18.46 30.73 -11.77
C VAL A 313 -18.01 30.67 -10.32
N GLU A 314 -18.94 30.96 -9.40
CA GLU A 314 -18.60 30.95 -7.98
C GLU A 314 -18.24 29.54 -7.49
N GLU A 315 -19.02 28.54 -7.94
CA GLU A 315 -18.84 27.19 -7.42
C GLU A 315 -17.45 26.64 -7.73
N VAL A 316 -16.96 26.85 -8.95
CA VAL A 316 -15.64 26.37 -9.30
C VAL A 316 -14.56 27.33 -8.81
N LEU A 317 -14.79 28.64 -8.94
CA LEU A 317 -13.76 29.60 -8.59
C LEU A 317 -13.50 29.68 -7.09
N ARG A 318 -14.40 29.16 -6.25
CA ARG A 318 -14.19 29.19 -4.81
C ARG A 318 -13.07 28.22 -4.45
N TYR A 319 -11.87 28.76 -4.26
CA TYR A 319 -10.69 27.97 -3.90
C TYR A 319 -10.04 28.52 -2.64
N ALA B 29 14.82 -2.77 0.93
CA ALA B 29 15.36 -3.85 0.12
C ALA B 29 16.56 -4.50 0.80
N GLY B 30 17.29 -3.70 1.58
CA GLY B 30 18.44 -4.21 2.29
C GLY B 30 18.08 -4.78 3.65
N ILE B 31 17.11 -4.15 4.33
CA ILE B 31 16.66 -4.60 5.64
C ILE B 31 15.41 -5.47 5.56
N ILE B 32 14.72 -5.48 4.42
CA ILE B 32 13.50 -6.26 4.27
C ILE B 32 13.80 -7.76 4.35
N ASP B 33 14.99 -8.18 3.90
CA ASP B 33 15.37 -9.59 3.96
C ASP B 33 15.40 -10.12 5.39
N GLN B 34 15.45 -9.24 6.39
CA GLN B 34 15.49 -9.64 7.78
C GLN B 34 14.11 -9.63 8.44
N ALA B 35 13.07 -9.20 7.73
CA ALA B 35 11.74 -9.07 8.32
C ALA B 35 10.69 -9.84 7.52
N LEU B 36 11.09 -10.97 6.95
CA LEU B 36 10.17 -11.81 6.19
C LEU B 36 9.70 -12.99 7.05
N ALA B 37 8.70 -13.70 6.54
CA ALA B 37 8.15 -14.85 7.23
C ALA B 37 8.95 -16.10 6.91
N PRO B 38 8.95 -17.09 7.81
CA PRO B 38 9.60 -18.37 7.51
C PRO B 38 8.98 -19.02 6.28
N PRO B 39 9.71 -19.92 5.61
CA PRO B 39 9.17 -20.52 4.38
C PRO B 39 7.92 -21.33 4.66
N ARG B 40 6.97 -21.26 3.73
CA ARG B 40 5.71 -22.00 3.78
C ARG B 40 4.84 -21.58 4.98
N THR B 41 5.09 -20.41 5.55
CA THR B 41 4.32 -19.89 6.67
C THR B 41 3.30 -18.89 6.17
N ARG B 42 2.07 -18.98 6.68
CA ARG B 42 0.96 -18.12 6.29
C ARG B 42 0.50 -17.35 7.52
N LYS B 43 1.07 -16.15 7.69
CA LYS B 43 0.72 -15.28 8.81
C LYS B 43 0.51 -13.86 8.29
N SER B 44 -0.12 -13.04 9.13
CA SER B 44 -0.51 -11.69 8.74
C SER B 44 0.20 -10.60 9.53
N TYR B 45 1.10 -10.97 10.44
CA TYR B 45 1.80 -9.98 11.25
C TYR B 45 3.10 -10.60 11.76
N GLN B 46 4.17 -9.81 11.75
CA GLN B 46 5.46 -10.24 12.28
C GLN B 46 6.21 -9.01 12.76
N LYS B 47 6.71 -9.08 14.00
CA LYS B 47 7.43 -7.98 14.63
C LYS B 47 8.86 -8.42 14.89
N SER B 48 9.81 -7.79 14.21
CA SER B 48 11.21 -8.15 14.32
C SER B 48 12.03 -6.98 14.86
N MSE B 49 13.06 -7.30 15.63
CA MSE B 49 13.96 -6.29 16.17
C MSE B 49 15.21 -6.20 15.31
O MSE B 49 15.86 -7.22 15.04
CB MSE B 49 14.33 -6.63 17.62
CG MSE B 49 15.04 -5.51 18.36
SE MSE B 49 13.84 -4.06 18.91
CE MSE B 49 15.11 -3.00 19.94
N VAL B 50 15.54 -4.99 14.86
CA VAL B 50 16.68 -4.77 13.98
C VAL B 50 17.49 -3.60 14.49
N SER B 51 18.72 -3.50 13.99
CA SER B 51 19.64 -2.42 14.34
C SER B 51 20.37 -1.98 13.09
N ILE B 52 20.24 -0.71 12.72
CA ILE B 52 20.87 -0.16 11.53
C ILE B 52 21.63 1.09 11.93
N SER B 53 22.90 1.18 11.55
CA SER B 53 23.77 2.30 11.87
C SER B 53 23.87 2.53 13.37
N GLY B 54 23.80 1.45 14.15
CA GLY B 54 23.81 1.55 15.59
C GLY B 54 22.44 1.81 16.17
N THR B 55 21.56 2.41 15.38
CA THR B 55 20.21 2.74 15.82
C THR B 55 19.36 1.47 15.83
N ARG B 56 18.83 1.13 16.99
CA ARG B 56 17.90 0.00 17.11
C ARG B 56 16.50 0.43 16.68
N ALA B 57 15.84 -0.45 15.93
CA ALA B 57 14.53 -0.15 15.39
C ALA B 57 13.67 -1.42 15.41
N VAL B 58 12.36 -1.20 15.41
CA VAL B 58 11.38 -2.28 15.35
C VAL B 58 10.76 -2.27 13.97
N ILE B 59 10.91 -3.38 13.24
CA ILE B 59 10.35 -3.51 11.90
C ILE B 59 9.13 -4.43 11.98
N GLU B 60 7.98 -3.90 11.56
CA GLU B 60 6.73 -4.66 11.50
C GLU B 60 6.40 -4.99 10.06
N THR B 61 5.86 -6.19 9.86
CA THR B 61 5.44 -6.67 8.54
C THR B 61 4.00 -7.16 8.67
N ARG B 62 3.08 -6.54 7.94
CA ARG B 62 1.68 -6.93 8.07
C ARG B 62 1.02 -6.97 6.71
N SER B 63 -0.06 -7.75 6.62
CA SER B 63 -0.79 -7.91 5.37
C SER B 63 -2.25 -8.22 5.69
N SER B 64 -3.13 -7.85 4.76
CA SER B 64 -4.51 -8.30 4.84
C SER B 64 -4.63 -9.77 4.46
N LYS B 65 -3.66 -10.31 3.75
CA LYS B 65 -3.58 -11.74 3.42
C LYS B 65 -2.26 -12.14 4.07
N ASN B 66 -1.55 -13.14 3.57
CA ASN B 66 -0.27 -13.57 4.11
C ASN B 66 0.96 -12.75 3.71
N ILE B 67 1.82 -12.48 4.69
CA ILE B 67 3.00 -11.66 4.44
C ILE B 67 4.02 -12.45 3.63
N MSE B 68 4.99 -11.72 3.08
CA MSE B 68 6.09 -12.30 2.32
C MSE B 68 6.87 -13.34 3.13
O MSE B 68 7.18 -13.12 4.30
CB MSE B 68 7.07 -11.23 1.87
CG MSE B 68 6.64 -10.41 0.67
SE MSE B 68 8.11 -9.26 0.12
CE MSE B 68 9.42 -10.64 -0.31
N THR B 69 7.20 -14.45 2.50
CA THR B 69 8.13 -15.42 3.05
C THR B 69 9.52 -15.19 2.47
N VAL B 70 10.50 -15.88 3.05
CA VAL B 70 11.87 -15.77 2.55
C VAL B 70 11.94 -16.24 1.10
N ASP B 71 11.23 -17.32 0.77
CA ASP B 71 11.25 -17.87 -0.58
C ASP B 71 10.76 -16.87 -1.62
N ASP B 72 9.97 -15.87 -1.23
CA ASP B 72 9.50 -14.88 -2.19
C ASP B 72 10.62 -13.95 -2.64
N LEU B 73 11.69 -13.83 -1.86
CA LEU B 73 12.80 -12.91 -2.18
C LEU B 73 13.23 -13.06 -3.64
N MSE B 74 13.54 -14.28 -4.05
CA MSE B 74 13.96 -14.57 -5.42
C MSE B 74 12.98 -13.95 -6.41
O MSE B 74 13.37 -13.16 -7.28
CB MSE B 74 14.09 -16.07 -5.64
CG MSE B 74 14.88 -16.79 -4.54
SE MSE B 74 15.25 -18.67 -4.89
CE MSE B 74 16.35 -18.48 -6.49
N THR B 75 11.70 -14.30 -6.25
CA THR B 75 10.66 -13.76 -7.13
C THR B 75 10.74 -12.25 -7.18
N LEU B 76 10.82 -11.62 -6.01
CA LEU B 76 10.95 -10.16 -5.95
C LEU B 76 12.10 -9.69 -6.81
N PHE B 77 13.30 -10.28 -6.61
CA PHE B 77 14.45 -9.87 -7.40
C PHE B 77 14.21 -10.09 -8.88
N ALA B 78 13.52 -11.18 -9.23
CA ALA B 78 13.14 -11.40 -10.62
C ALA B 78 12.43 -10.18 -11.17
N LEU B 79 11.40 -9.70 -10.46
CA LEU B 79 10.70 -8.49 -10.87
C LEU B 79 11.69 -7.35 -11.10
N PHE B 80 12.59 -7.15 -10.13
CA PHE B 80 13.64 -6.14 -10.27
C PHE B 80 14.29 -6.24 -11.64
N THR B 81 14.82 -7.42 -11.97
CA THR B 81 15.49 -7.60 -13.25
C THR B 81 14.56 -7.24 -14.39
N LEU B 82 13.34 -7.76 -14.38
CA LEU B 82 12.42 -7.51 -15.48
C LEU B 82 11.99 -6.06 -15.54
N THR B 83 12.13 -5.32 -14.43
CA THR B 83 11.85 -3.89 -14.49
C THR B 83 13.00 -3.13 -15.11
N VAL B 84 14.23 -3.61 -14.94
CA VAL B 84 15.38 -2.92 -15.51
C VAL B 84 15.49 -3.20 -17.01
N GLN B 85 15.29 -4.47 -17.40
CA GLN B 85 15.43 -4.83 -18.81
C GLN B 85 14.36 -4.19 -19.68
N TYR B 86 13.15 -4.02 -19.15
CA TYR B 86 12.09 -3.41 -19.95
C TYR B 86 12.41 -1.96 -20.28
N HIS B 87 12.86 -1.19 -19.29
CA HIS B 87 13.15 0.23 -19.48
C HIS B 87 14.57 0.36 -20.02
N ASP B 88 14.68 0.57 -21.33
CA ASP B 88 15.97 0.73 -22.00
C ASP B 88 15.82 1.51 -23.31
N ASN B 103 6.84 5.16 -13.74
CA ASN B 103 6.24 4.59 -14.94
C ASN B 103 5.43 3.34 -14.62
N LYS B 104 4.98 2.66 -15.67
CA LYS B 104 4.24 1.41 -15.56
C LYS B 104 5.04 0.32 -16.27
N THR B 105 5.30 -0.77 -15.56
CA THR B 105 6.16 -1.83 -16.08
C THR B 105 5.35 -3.08 -16.39
N PRO B 106 5.11 -3.40 -17.66
CA PRO B 106 4.38 -4.63 -18.00
C PRO B 106 5.31 -5.83 -18.03
N LEU B 107 5.01 -6.83 -17.21
CA LEU B 107 5.78 -8.07 -17.12
C LEU B 107 4.85 -9.25 -17.33
N TYR B 108 5.19 -10.11 -18.27
CA TYR B 108 4.38 -11.29 -18.57
C TYR B 108 4.79 -12.46 -17.67
N ILE B 109 3.82 -13.34 -17.40
CA ILE B 109 4.05 -14.45 -16.47
C ILE B 109 5.07 -15.43 -17.03
N THR B 110 5.10 -15.60 -18.36
CA THR B 110 6.03 -16.55 -18.96
C THR B 110 7.48 -16.11 -18.80
N ASP B 111 7.73 -14.79 -18.90
CA ASP B 111 9.07 -14.28 -18.69
C ASP B 111 9.50 -14.47 -17.24
N ILE B 112 8.56 -14.34 -16.30
CA ILE B 112 8.89 -14.57 -14.90
C ILE B 112 9.23 -16.04 -14.66
N LEU B 113 8.42 -16.94 -15.22
CA LEU B 113 8.72 -18.37 -15.09
C LEU B 113 10.07 -18.71 -15.71
N SER B 114 10.40 -18.10 -16.85
CA SER B 114 11.67 -18.39 -17.51
C SER B 114 12.83 -17.88 -16.68
N LEU B 115 12.74 -16.63 -16.19
CA LEU B 115 13.81 -16.08 -15.37
C LEU B 115 13.99 -16.85 -14.08
N ARG B 116 12.90 -17.37 -13.50
CA ARG B 116 12.99 -18.20 -12.31
C ARG B 116 13.43 -19.62 -12.62
N GLY B 117 13.53 -19.99 -13.90
CA GLY B 117 13.98 -21.33 -14.24
C GLY B 117 13.01 -22.43 -13.83
N LYS B 118 11.72 -22.20 -14.00
CA LYS B 118 10.69 -23.16 -13.64
C LYS B 118 9.90 -23.55 -14.88
N LYS B 119 9.60 -24.84 -14.98
CA LYS B 119 8.85 -25.36 -16.12
C LYS B 119 7.42 -24.81 -16.12
N ASP B 120 6.98 -24.32 -17.27
CA ASP B 120 5.66 -23.70 -17.37
C ASP B 120 4.57 -24.74 -17.16
N SER B 121 3.72 -24.50 -16.17
CA SER B 121 2.59 -25.38 -15.88
C SER B 121 1.62 -24.63 -14.98
N GLY B 122 0.46 -25.25 -14.76
CA GLY B 122 -0.54 -24.71 -13.89
C GLY B 122 -0.04 -24.45 -12.48
N PRO B 123 0.47 -25.48 -11.81
CA PRO B 123 1.01 -25.28 -10.45
C PRO B 123 2.15 -24.29 -10.38
N ALA B 124 2.98 -24.19 -11.42
CA ALA B 124 4.08 -23.23 -11.41
C ALA B 124 3.56 -21.80 -11.51
N ARG B 125 2.67 -21.56 -12.48
CA ARG B 125 2.05 -20.24 -12.60
C ARG B 125 1.31 -19.86 -11.32
N ASP B 126 0.61 -20.81 -10.71
CA ASP B 126 -0.08 -20.52 -9.46
C ASP B 126 0.90 -20.23 -8.34
N SER B 127 2.07 -20.88 -8.35
CA SER B 127 3.06 -20.63 -7.31
C SER B 127 3.63 -19.21 -7.43
N ILE B 128 4.02 -18.82 -8.64
CA ILE B 128 4.53 -17.47 -8.84
C ILE B 128 3.43 -16.44 -8.58
N ARG B 129 2.20 -16.76 -8.94
CA ARG B 129 1.08 -15.88 -8.67
C ARG B 129 0.87 -15.68 -7.17
N ASP B 130 1.03 -16.75 -6.39
CA ASP B 130 0.93 -16.61 -4.93
C ASP B 130 2.08 -15.79 -4.38
N SER B 131 3.28 -15.97 -4.93
CA SER B 131 4.44 -15.19 -4.47
C SER B 131 4.23 -13.70 -4.72
N ILE B 132 3.87 -13.35 -5.97
CA ILE B 132 3.62 -11.95 -6.31
C ILE B 132 2.44 -11.40 -5.50
N ASP B 133 1.44 -12.24 -5.23
CA ASP B 133 0.31 -11.79 -4.43
C ASP B 133 0.74 -11.48 -3.00
N ARG B 134 1.68 -12.26 -2.45
CA ARG B 134 2.18 -11.95 -1.11
C ARG B 134 3.03 -10.69 -1.12
N ILE B 135 3.86 -10.51 -2.15
CA ILE B 135 4.68 -9.30 -2.26
C ILE B 135 3.77 -8.07 -2.37
N GLU B 136 2.66 -8.21 -3.10
CA GLU B 136 1.84 -7.05 -3.42
C GLU B 136 1.11 -6.50 -2.19
N PHE B 137 0.66 -7.38 -1.29
CA PHE B 137 -0.17 -6.98 -0.17
C PHE B 137 0.61 -6.89 1.14
N THR B 138 1.94 -6.79 1.07
CA THR B 138 2.77 -6.74 2.27
C THR B 138 3.21 -5.31 2.54
N ASP B 139 2.94 -4.85 3.76
CA ASP B 139 3.36 -3.53 4.22
C ASP B 139 4.45 -3.70 5.27
N PHE B 140 5.57 -3.00 5.05
CA PHE B 140 6.65 -2.94 6.04
C PHE B 140 6.60 -1.59 6.73
N GLN B 141 7.06 -1.56 7.99
CA GLN B 141 7.06 -0.31 8.73
C GLN B 141 8.20 -0.33 9.74
N LEU B 142 9.14 0.60 9.58
CA LEU B 142 10.31 0.68 10.44
C LEU B 142 10.13 1.82 11.44
N HIS B 143 10.16 1.49 12.73
CA HIS B 143 10.01 2.46 13.81
C HIS B 143 11.34 2.60 14.53
N GLU B 144 11.92 3.80 14.48
CA GLU B 144 13.17 4.07 15.18
C GLU B 144 12.88 4.38 16.65
N LEU B 145 13.63 3.74 17.53
CA LEU B 145 13.40 3.89 18.97
C LEU B 145 14.21 5.02 19.59
N THR B 146 15.17 5.59 18.86
CA THR B 146 16.01 6.67 19.37
C THR B 146 15.54 7.99 18.78
N GLY B 147 15.20 8.93 19.65
CA GLY B 147 14.74 10.22 19.18
C GLY B 147 15.85 11.03 18.55
N ARG B 148 15.49 11.76 17.49
CA ARG B 148 16.43 12.60 16.76
C ARG B 148 15.90 14.03 16.72
N TRP B 149 16.81 14.97 16.47
CA TRP B 149 16.42 16.36 16.26
C TRP B 149 16.02 16.55 14.80
N LEU B 150 14.87 17.20 14.59
CA LEU B 150 14.35 17.40 13.25
C LEU B 150 14.29 18.87 12.86
N SER B 151 13.73 19.72 13.71
CA SER B 151 13.62 21.14 13.42
C SER B 151 13.51 21.90 14.74
N GLU B 152 13.39 23.22 14.64
CA GLU B 152 13.22 24.03 15.84
C GLU B 152 11.90 23.73 16.54
N ASN B 153 10.86 23.38 15.77
CA ASN B 153 9.56 23.08 16.37
C ASN B 153 9.50 21.67 16.93
N MSE B 154 10.29 20.75 16.38
CA MSE B 154 10.37 19.40 16.93
C MSE B 154 11.78 19.09 17.44
O MSE B 154 12.63 18.64 16.68
CB MSE B 154 9.97 18.35 15.90
CG MSE B 154 8.47 18.26 15.66
SE MSE B 154 7.91 16.56 14.89
CE MSE B 154 8.29 15.40 16.43
N PRO B 155 12.02 19.35 18.73
CA PRO B 155 13.35 19.06 19.29
C PRO B 155 13.66 17.57 19.33
N GLU B 156 12.70 16.74 19.74
CA GLU B 156 12.86 15.30 19.78
C GLU B 156 11.82 14.67 18.86
N GLY B 157 12.29 13.91 17.88
CA GLY B 157 11.39 13.31 16.92
C GLY B 157 11.69 11.87 16.60
N PHE B 158 10.71 11.00 16.78
CA PHE B 158 10.84 9.58 16.43
C PHE B 158 10.30 9.37 15.02
N LYS B 159 11.10 8.73 14.17
CA LYS B 159 10.77 8.54 12.77
C LYS B 159 10.24 7.13 12.52
N SER B 160 9.12 7.04 11.82
CA SER B 160 8.57 5.78 11.35
C SER B 160 8.38 5.85 9.84
N ASP B 161 8.64 4.75 9.16
CA ASP B 161 8.54 4.69 7.69
C ASP B 161 7.65 3.52 7.32
N ARG B 162 6.54 3.82 6.65
CA ARG B 162 5.61 2.80 6.17
C ARG B 162 5.81 2.67 4.67
N PHE B 163 6.30 1.50 4.24
CA PHE B 163 6.73 1.27 2.87
C PHE B 163 6.02 0.05 2.30
N ARG B 164 5.84 0.10 0.98
CA ARG B 164 5.17 -0.94 0.21
C ARG B 164 5.80 -0.96 -1.17
N PHE B 165 6.16 -2.15 -1.66
CA PHE B 165 6.89 -2.25 -2.92
C PHE B 165 6.04 -1.77 -4.09
N LEU B 166 4.88 -2.40 -4.30
CA LEU B 166 4.04 -2.12 -5.46
C LEU B 166 2.95 -1.13 -5.05
N ALA B 167 3.07 0.11 -5.54
CA ALA B 167 2.03 1.10 -5.28
C ALA B 167 0.74 0.76 -6.01
N ARG B 168 0.84 0.14 -7.19
CA ARG B 168 -0.35 -0.22 -7.94
C ARG B 168 -0.03 -1.46 -8.78
N THR B 169 -1.07 -2.24 -9.08
CA THR B 169 -0.93 -3.44 -9.88
C THR B 169 -2.15 -3.61 -10.74
N ILE B 170 -1.96 -3.66 -12.06
CA ILE B 170 -3.03 -3.93 -13.02
C ILE B 170 -2.76 -5.29 -13.65
N THR B 171 -3.77 -6.16 -13.67
CA THR B 171 -3.58 -7.54 -14.09
C THR B 171 -4.53 -7.90 -15.24
N ALA B 172 -4.07 -8.84 -16.07
CA ALA B 172 -4.86 -9.37 -17.17
C ALA B 172 -4.81 -10.89 -17.08
N SER B 173 -5.99 -11.51 -17.02
CA SER B 173 -6.13 -12.95 -16.82
C SER B 173 -6.94 -13.58 -17.94
N GLU B 174 -6.55 -14.78 -18.35
CA GLU B 174 -7.34 -15.53 -19.31
C GLU B 174 -8.56 -16.17 -18.65
N GLU B 175 -8.36 -16.80 -17.50
CA GLU B 175 -9.45 -17.44 -16.79
C GLU B 175 -10.22 -16.41 -15.97
N ALA B 176 -11.49 -16.72 -15.70
CA ALA B 176 -12.35 -15.82 -14.96
C ALA B 176 -12.05 -15.89 -13.46
N PRO B 177 -12.29 -14.81 -12.74
CA PRO B 177 -12.10 -14.84 -11.28
C PRO B 177 -13.04 -15.84 -10.62
N VAL B 178 -12.57 -16.41 -9.52
CA VAL B 178 -13.36 -17.35 -8.73
C VAL B 178 -13.71 -16.68 -7.40
N GLU B 179 -14.82 -17.13 -6.80
CA GLU B 179 -15.37 -16.46 -5.63
C GLU B 179 -14.79 -16.97 -4.32
N GLY B 180 -14.54 -18.27 -4.21
CA GLY B 180 -13.89 -18.80 -3.02
C GLY B 180 -14.70 -18.65 -1.74
N SER B 181 -14.10 -19.08 -0.62
CA SER B 181 -14.76 -18.94 0.67
C SER B 181 -14.83 -17.48 1.09
N ASP B 182 -15.89 -17.14 1.81
CA ASP B 182 -16.20 -15.78 2.27
C ASP B 182 -16.45 -14.82 1.11
N GLY B 183 -16.48 -15.31 -0.13
CA GLY B 183 -16.71 -14.47 -1.29
C GLY B 183 -15.52 -13.68 -1.77
N GLU B 184 -14.32 -13.96 -1.26
CA GLU B 184 -13.15 -13.19 -1.61
C GLU B 184 -12.60 -13.61 -2.96
N ILE B 185 -12.39 -12.63 -3.85
CA ILE B 185 -12.02 -12.92 -5.21
C ILE B 185 -10.60 -13.49 -5.28
N ARG B 186 -10.40 -14.40 -6.23
CA ARG B 186 -9.09 -14.96 -6.54
C ARG B 186 -8.89 -14.92 -8.04
N ILE B 187 -7.77 -14.39 -8.49
CA ILE B 187 -7.51 -14.19 -9.91
C ILE B 187 -6.29 -15.01 -10.33
N LYS B 188 -6.20 -15.28 -11.63
CA LYS B 188 -5.08 -16.01 -12.23
C LYS B 188 -4.50 -15.16 -13.35
N PRO B 189 -3.74 -14.12 -13.01
CA PRO B 189 -3.26 -13.20 -14.05
C PRO B 189 -2.14 -13.81 -14.89
N ASN B 190 -2.16 -13.47 -16.18
CA ASN B 190 -1.05 -13.76 -17.08
C ASN B 190 -0.20 -12.55 -17.39
N LEU B 191 -0.79 -11.35 -17.41
CA LEU B 191 -0.07 -10.12 -17.66
C LEU B 191 -0.11 -9.24 -16.42
N TYR B 192 1.07 -8.82 -15.96
CA TYR B 192 1.20 -7.90 -14.86
C TYR B 192 1.60 -6.51 -15.38
N ILE B 193 1.13 -5.49 -14.69
CA ILE B 193 1.50 -4.10 -14.97
C ILE B 193 1.77 -3.45 -13.61
N LEU B 194 3.05 -3.26 -13.31
CA LEU B 194 3.48 -2.85 -11.98
C LEU B 194 3.70 -1.35 -11.92
N VAL B 195 3.27 -0.75 -10.82
CA VAL B 195 3.59 0.63 -10.49
C VAL B 195 4.28 0.57 -9.14
N TRP B 196 5.62 0.62 -9.16
CA TRP B 196 6.42 0.54 -7.96
C TRP B 196 6.23 1.79 -7.11
N GLU B 197 6.71 1.70 -5.87
CA GLU B 197 6.80 2.89 -5.02
C GLU B 197 7.68 3.92 -5.72
N PRO B 198 7.27 5.18 -5.81
CA PRO B 198 7.99 6.17 -6.63
C PRO B 198 9.48 6.25 -6.36
N SER B 199 9.85 6.62 -5.12
CA SER B 199 11.26 6.79 -4.79
C SER B 199 12.06 5.52 -5.07
N PHE B 200 11.56 4.38 -4.59
CA PHE B 200 12.22 3.10 -4.86
C PHE B 200 12.35 2.86 -6.36
N PHE B 201 11.32 3.23 -7.13
CA PHE B 201 11.42 3.08 -8.58
C PHE B 201 12.54 3.94 -9.15
N GLU B 202 12.71 5.14 -8.61
CA GLU B 202 13.82 5.99 -9.03
C GLU B 202 15.16 5.38 -8.67
N GLU B 203 15.20 4.49 -7.67
CA GLU B 203 16.39 3.74 -7.35
C GLU B 203 16.47 2.41 -8.11
N LEU B 204 15.38 2.00 -8.74
CA LEU B 204 15.44 0.83 -9.62
C LEU B 204 16.01 1.16 -10.99
N LEU B 205 16.13 2.45 -11.32
CA LEU B 205 16.77 2.89 -12.56
C LEU B 205 18.04 3.68 -12.28
N THR B 206 18.64 3.47 -11.10
CA THR B 206 19.85 4.18 -10.69
C THR B 206 20.54 3.33 -9.62
N ARG B 207 21.82 3.03 -9.84
CA ARG B 207 22.59 2.15 -8.97
C ARG B 207 21.98 0.75 -8.95
N ASP B 208 21.92 0.15 -10.15
CA ASP B 208 21.31 -1.17 -10.32
C ASP B 208 22.39 -2.26 -10.13
N TYR B 209 22.82 -2.39 -8.88
CA TYR B 209 23.79 -3.42 -8.51
C TYR B 209 23.22 -4.35 -7.44
N PHE B 210 22.85 -3.82 -6.27
CA PHE B 210 22.20 -4.63 -5.25
C PHE B 210 20.84 -5.13 -5.70
N PHE B 211 20.21 -4.47 -6.67
CA PHE B 211 18.93 -4.89 -7.21
C PHE B 211 19.06 -5.89 -8.35
N LEU B 212 20.24 -5.97 -8.98
CA LEU B 212 20.46 -6.86 -10.11
C LEU B 212 21.30 -8.04 -9.65
N PHE B 213 20.66 -9.19 -9.50
CA PHE B 213 21.34 -10.44 -9.28
C PHE B 213 21.59 -11.14 -10.61
N PRO B 214 22.55 -12.06 -10.67
CA PRO B 214 22.76 -12.83 -11.90
C PRO B 214 21.50 -13.58 -12.30
N PRO B 215 21.16 -13.60 -13.58
CA PRO B 215 19.95 -14.32 -14.02
C PRO B 215 19.99 -15.81 -13.69
N GLU B 216 21.17 -16.37 -13.43
CA GLU B 216 21.28 -17.78 -13.09
C GLU B 216 21.12 -18.05 -11.60
N ILE B 217 21.44 -17.09 -10.74
CA ILE B 217 21.25 -17.28 -9.31
C ILE B 217 19.77 -17.28 -8.95
N LEU B 218 18.92 -16.71 -9.80
CA LEU B 218 17.48 -16.73 -9.58
C LEU B 218 16.84 -18.05 -9.94
N LYS B 219 17.62 -19.00 -10.46
CA LYS B 219 17.16 -20.36 -10.72
C LYS B 219 17.71 -21.37 -9.72
N GLN B 220 18.47 -20.92 -8.74
CA GLN B 220 19.19 -21.81 -7.86
C GLN B 220 18.34 -22.16 -6.64
N HIS B 221 18.89 -23.04 -5.80
CA HIS B 221 18.22 -23.43 -4.55
C HIS B 221 18.07 -22.22 -3.64
N THR B 222 17.15 -22.33 -2.68
CA THR B 222 16.92 -21.22 -1.77
C THR B 222 18.12 -20.96 -0.88
N LEU B 223 18.83 -22.01 -0.47
CA LEU B 223 20.02 -21.83 0.34
C LEU B 223 21.17 -21.21 -0.45
N VAL B 224 21.30 -21.59 -1.72
CA VAL B 224 22.31 -20.99 -2.57
C VAL B 224 22.01 -19.51 -2.78
N PHE B 225 20.74 -19.18 -3.03
CA PHE B 225 20.34 -17.79 -3.18
C PHE B 225 20.62 -17.00 -1.91
N GLN B 226 20.29 -17.57 -0.75
CA GLN B 226 20.54 -16.87 0.51
C GLN B 226 22.03 -16.69 0.76
N LEU B 227 22.85 -17.67 0.37
CA LEU B 227 24.28 -17.56 0.58
C LEU B 227 24.89 -16.50 -0.33
N TYR B 228 24.51 -16.51 -1.60
CA TYR B 228 25.01 -15.48 -2.53
C TYR B 228 24.55 -14.10 -2.11
N SER B 229 23.30 -13.97 -1.66
CA SER B 229 22.80 -12.67 -1.22
C SER B 229 23.50 -12.21 0.05
N TYR B 230 23.88 -13.15 0.92
CA TYR B 230 24.64 -12.78 2.11
C TYR B 230 26.05 -12.32 1.75
N PHE B 231 26.70 -13.03 0.83
CA PHE B 231 28.04 -12.62 0.40
C PHE B 231 28.00 -11.31 -0.38
N ARG B 232 26.87 -10.99 -1.02
CA ARG B 232 26.83 -9.80 -1.86
C ARG B 232 26.69 -8.52 -1.06
N SER B 233 26.07 -8.58 0.12
CA SER B 233 25.79 -7.39 0.92
C SER B 233 26.66 -7.25 2.14
N ARG B 234 26.95 -8.33 2.87
CA ARG B 234 27.68 -8.26 4.13
C ARG B 234 29.13 -8.73 3.99
N MSE B 235 29.73 -8.56 2.82
CA MSE B 235 31.09 -9.06 2.60
C MSE B 235 31.97 -8.13 1.76
O MSE B 235 32.98 -8.56 1.22
CB MSE B 235 31.04 -10.44 1.93
CG MSE B 235 31.64 -11.57 2.75
SE MSE B 235 33.55 -11.81 2.47
CE MSE B 235 33.54 -12.02 0.52
N SER B 236 31.58 -6.85 1.66
CA SER B 236 32.42 -5.88 0.97
C SER B 236 33.55 -5.35 1.84
N ARG B 237 33.69 -5.86 3.06
CA ARG B 237 34.74 -5.39 3.95
C ARG B 237 36.10 -6.00 3.59
N ARG B 238 36.12 -7.25 3.15
CA ARG B 238 37.35 -7.97 2.87
C ARG B 238 37.28 -8.65 1.52
N HIS B 239 38.43 -9.21 1.12
CA HIS B 239 38.52 -10.06 -0.06
C HIS B 239 38.84 -11.50 0.28
N THR B 240 39.15 -11.81 1.54
CA THR B 240 39.30 -13.17 2.03
C THR B 240 38.59 -13.27 3.38
N ASP B 241 38.04 -14.45 3.65
CA ASP B 241 37.27 -14.64 4.88
C ASP B 241 37.34 -16.10 5.31
N VAL B 242 36.91 -16.35 6.54
CA VAL B 242 36.95 -17.67 7.16
C VAL B 242 35.66 -17.89 7.91
N MSE B 243 34.91 -18.94 7.56
CA MSE B 243 33.62 -19.20 8.18
C MSE B 243 33.30 -20.69 8.29
O MSE B 243 33.95 -21.52 7.65
CB MSE B 243 32.51 -18.50 7.39
CG MSE B 243 32.28 -17.05 7.77
SE MSE B 243 31.04 -16.20 6.52
CE MSE B 243 29.96 -17.74 6.08
N MSE B 244 32.29 -21.01 9.09
CA MSE B 244 31.87 -22.40 9.29
C MSE B 244 30.43 -22.60 8.84
O MSE B 244 29.66 -21.65 8.74
CB MSE B 244 32.02 -22.79 10.76
CG MSE B 244 33.40 -22.53 11.34
SE MSE B 244 34.74 -23.76 10.65
CE MSE B 244 36.30 -23.05 11.58
N LEU B 245 30.05 -23.86 8.59
CA LEU B 245 28.66 -24.17 8.30
C LEU B 245 27.79 -24.03 9.54
N SER B 246 28.35 -24.31 10.73
CA SER B 246 27.58 -24.16 11.96
C SER B 246 27.15 -22.71 12.17
N GLU B 247 28.05 -21.76 11.87
CA GLU B 247 27.69 -20.35 11.94
C GLU B 247 26.72 -19.96 10.83
N LEU B 248 26.75 -20.69 9.71
CA LEU B 248 25.91 -20.33 8.57
C LEU B 248 24.43 -20.63 8.82
N ASN B 249 24.13 -21.64 9.64
CA ASN B 249 22.75 -21.84 10.05
C ASN B 249 22.22 -20.62 10.80
N GLN B 250 22.88 -20.27 11.91
CA GLN B 250 22.48 -19.14 12.73
C GLN B 250 22.54 -17.82 11.97
N LYS B 251 23.30 -17.74 10.89
CA LYS B 251 23.41 -16.51 10.13
C LYS B 251 22.40 -16.41 9.00
N LEU B 252 21.98 -17.55 8.43
CA LEU B 252 21.05 -17.56 7.31
C LEU B 252 19.74 -18.24 7.68
N ALA B 253 19.75 -19.55 7.90
CA ALA B 253 18.52 -20.31 8.17
C ALA B 253 18.67 -21.00 9.52
N ARG B 254 18.37 -20.26 10.59
CA ARG B 254 18.59 -20.74 11.94
C ARG B 254 17.71 -21.96 12.24
N ASN B 255 16.38 -21.77 12.20
CA ASN B 255 15.46 -22.82 12.64
C ASN B 255 15.56 -24.08 11.80
N ILE B 256 16.22 -24.03 10.64
CA ILE B 256 16.53 -25.24 9.89
C ILE B 256 17.61 -26.01 10.65
N GLU B 257 17.36 -27.29 10.90
CA GLU B 257 18.28 -28.10 11.67
C GLU B 257 19.60 -28.27 10.92
N TRP B 258 20.64 -28.63 11.68
CA TRP B 258 21.98 -28.69 11.11
C TRP B 258 22.10 -29.76 10.04
N ARG B 259 21.40 -30.89 10.21
CA ARG B 259 21.52 -31.98 9.24
C ARG B 259 20.89 -31.60 7.90
N ARG B 260 19.66 -31.09 7.93
CA ARG B 260 18.99 -30.69 6.69
C ARG B 260 19.75 -29.55 6.01
N PHE B 261 20.20 -28.57 6.78
CA PHE B 261 20.92 -27.43 6.21
C PHE B 261 22.23 -27.89 5.55
N SER B 262 23.03 -28.67 6.28
CA SER B 262 24.32 -29.10 5.76
C SER B 262 24.15 -30.03 4.56
N MSE B 263 23.22 -30.96 4.63
CA MSE B 263 23.03 -31.90 3.53
C MSE B 263 22.51 -31.19 2.29
O MSE B 263 22.97 -31.45 1.18
CB MSE B 263 22.08 -33.03 3.94
CG MSE B 263 22.65 -33.95 5.01
SE MSE B 263 21.64 -35.61 5.22
CE MSE B 263 22.42 -36.61 3.73
N ASP B 264 21.53 -30.29 2.45
CA ASP B 264 20.97 -29.60 1.30
C ASP B 264 21.96 -28.62 0.69
N LEU B 265 22.51 -27.71 1.49
CA LEU B 265 23.43 -26.71 0.96
C LEU B 265 24.71 -27.36 0.43
N ILE B 266 25.19 -28.40 1.12
CA ILE B 266 26.39 -29.09 0.65
C ILE B 266 26.10 -29.86 -0.64
N ARG B 267 24.91 -30.46 -0.74
CA ARG B 267 24.51 -31.10 -1.99
C ARG B 267 24.50 -30.10 -3.14
N GLU B 268 23.92 -28.92 -2.91
CA GLU B 268 23.83 -27.92 -3.97
C GLU B 268 25.21 -27.41 -4.37
N LEU B 269 25.99 -26.94 -3.39
CA LEU B 269 27.33 -26.43 -3.69
C LEU B 269 28.19 -27.50 -4.36
N ARG B 270 28.03 -28.76 -3.94
CA ARG B 270 28.73 -29.85 -4.59
C ARG B 270 28.26 -30.04 -6.02
N ARG B 271 26.98 -29.77 -6.30
CA ARG B 271 26.50 -29.87 -7.68
C ARG B 271 27.03 -28.72 -8.52
N LEU B 272 27.24 -27.55 -7.93
CA LEU B 272 27.82 -26.41 -8.64
C LEU B 272 29.34 -26.39 -8.58
N SER B 273 29.96 -27.36 -7.91
CA SER B 273 31.40 -27.37 -7.76
C SER B 273 32.07 -27.93 -9.01
N GLU B 274 33.41 -27.86 -9.02
CA GLU B 274 34.23 -28.47 -10.04
C GLU B 274 34.61 -29.89 -9.62
N GLY B 275 34.82 -30.75 -10.60
CA GLY B 275 35.02 -32.16 -10.30
C GLY B 275 36.37 -32.49 -9.71
N LYS B 276 37.09 -31.47 -9.22
CA LYS B 276 38.49 -31.67 -8.87
C LYS B 276 38.64 -32.43 -7.55
N GLY B 277 37.66 -32.35 -6.66
CA GLY B 277 37.81 -32.84 -5.30
C GLY B 277 36.74 -33.83 -4.92
N SER B 278 36.88 -34.34 -3.70
CA SER B 278 35.96 -35.32 -3.15
C SER B 278 34.96 -34.59 -2.25
N GLU B 279 34.13 -35.36 -1.54
CA GLU B 279 33.12 -34.75 -0.66
C GLU B 279 33.75 -34.01 0.50
N ASP B 280 35.01 -34.28 0.82
CA ASP B 280 35.68 -33.64 1.95
C ASP B 280 36.30 -32.31 1.59
N LEU B 281 36.67 -32.10 0.32
CA LEU B 281 37.31 -30.86 -0.10
C LEU B 281 36.90 -30.56 -1.53
N PHE B 282 36.23 -29.42 -1.74
CA PHE B 282 35.82 -29.00 -3.06
C PHE B 282 35.75 -27.48 -3.10
N VAL B 283 35.62 -26.94 -4.31
CA VAL B 283 35.58 -25.50 -4.52
C VAL B 283 34.44 -25.15 -5.46
N VAL B 284 33.84 -23.98 -5.25
CA VAL B 284 32.70 -23.51 -6.02
C VAL B 284 33.00 -22.10 -6.52
N ASN B 285 32.55 -21.79 -7.74
CA ASN B 285 32.73 -20.45 -8.29
C ASN B 285 31.71 -19.47 -7.70
N LEU B 286 30.43 -19.82 -7.76
CA LEU B 286 29.35 -19.03 -7.16
C LEU B 286 29.32 -17.61 -7.73
N TRP B 287 29.58 -17.49 -9.03
CA TRP B 287 29.45 -16.22 -9.75
C TRP B 287 30.27 -15.10 -9.11
N GLY B 288 31.55 -15.39 -8.88
CA GLY B 288 32.48 -14.41 -8.36
C GLY B 288 32.95 -14.68 -6.93
N TYR B 289 32.20 -15.47 -6.16
CA TYR B 289 32.57 -15.78 -4.78
C TYR B 289 33.19 -17.19 -4.76
N HIS B 290 34.47 -17.24 -5.12
CA HIS B 290 35.19 -18.51 -5.18
C HIS B 290 35.34 -19.09 -3.78
N LEU B 291 34.60 -20.16 -3.50
CA LEU B 291 34.59 -20.80 -2.19
C LEU B 291 35.58 -21.95 -2.14
N THR B 292 35.89 -22.39 -0.93
CA THR B 292 36.77 -23.54 -0.70
C THR B 292 36.26 -24.24 0.55
N VAL B 293 35.42 -25.25 0.36
CA VAL B 293 34.78 -25.96 1.45
C VAL B 293 35.64 -27.16 1.83
N LYS B 294 35.91 -27.30 3.13
CA LYS B 294 36.69 -28.41 3.66
C LYS B 294 35.96 -28.96 4.88
N SER B 295 35.76 -30.28 4.90
CA SER B 295 35.09 -30.92 6.02
C SER B 295 36.06 -31.13 7.17
N ILE B 296 35.55 -30.96 8.40
CA ILE B 296 36.31 -31.18 9.62
C ILE B 296 35.65 -32.32 10.37
N GLU B 297 36.42 -33.35 10.68
CA GLU B 297 35.90 -34.57 11.30
C GLU B 297 36.37 -34.68 12.74
N GLU B 298 35.49 -35.17 13.61
CA GLU B 298 35.86 -35.54 14.98
C GLU B 298 36.35 -36.99 14.98
N LYS B 299 35.42 -37.92 14.82
CA LYS B 299 35.74 -39.32 14.57
C LYS B 299 35.10 -39.81 13.28
N GLY B 300 33.78 -39.73 13.18
CA GLY B 300 33.08 -40.01 11.93
C GLY B 300 32.19 -38.86 11.54
N LYS B 301 31.68 -38.14 12.54
CA LYS B 301 30.85 -36.97 12.30
C LYS B 301 31.70 -35.84 11.71
N VAL B 302 31.04 -34.93 10.99
CA VAL B 302 31.73 -33.94 10.17
C VAL B 302 31.09 -32.57 10.36
N VAL B 303 31.93 -31.53 10.22
CA VAL B 303 31.50 -30.14 10.10
C VAL B 303 32.33 -29.50 9.01
N ASP B 304 31.70 -28.73 8.15
CA ASP B 304 32.39 -28.16 7.00
C ASP B 304 32.93 -26.76 7.31
N TYR B 305 33.91 -26.34 6.52
CA TYR B 305 34.63 -25.08 6.73
C TYR B 305 34.97 -24.51 5.36
N GLN B 306 34.49 -23.29 5.08
CA GLN B 306 34.59 -22.68 3.77
C GLN B 306 35.41 -21.41 3.83
N VAL B 307 36.18 -21.16 2.76
CA VAL B 307 36.98 -19.96 2.60
C VAL B 307 36.66 -19.36 1.24
N ASP B 308 36.39 -18.07 1.21
CA ASP B 308 36.04 -17.38 -0.03
C ASP B 308 37.10 -16.36 -0.40
N ILE B 309 37.20 -16.06 -1.69
CA ILE B 309 38.09 -15.04 -2.22
C ILE B 309 37.25 -14.20 -3.19
N LYS B 310 36.81 -13.04 -2.73
CA LYS B 310 35.89 -12.21 -3.50
C LYS B 310 36.61 -11.58 -4.68
N CYS B 311 36.27 -12.02 -5.89
CA CYS B 311 36.76 -11.40 -7.11
C CYS B 311 35.73 -10.37 -7.56
N ASP B 312 36.05 -9.08 -7.36
CA ASP B 312 35.09 -8.02 -7.62
C ASP B 312 34.79 -7.85 -9.11
N VAL B 313 35.71 -8.27 -9.99
CA VAL B 313 35.51 -8.08 -11.42
C VAL B 313 34.34 -8.93 -11.92
N GLU B 314 34.37 -10.23 -11.65
CA GLU B 314 33.32 -11.13 -12.10
C GLU B 314 31.97 -10.80 -11.47
N GLU B 315 31.97 -10.16 -10.29
CA GLU B 315 30.73 -9.68 -9.70
C GLU B 315 30.00 -8.75 -10.66
N VAL B 316 30.65 -7.66 -11.07
CA VAL B 316 30.05 -6.72 -12.00
C VAL B 316 29.88 -7.36 -13.38
N LEU B 317 30.74 -8.32 -13.72
CA LEU B 317 30.61 -8.99 -15.01
C LEU B 317 29.33 -9.83 -15.09
N ARG B 318 28.87 -10.35 -13.96
CA ARG B 318 27.68 -11.22 -13.93
C ARG B 318 26.43 -10.35 -14.00
N TYR B 319 26.02 -10.02 -15.23
CA TYR B 319 24.80 -9.27 -15.47
C TYR B 319 23.81 -10.06 -16.31
#